data_5YBN
#
_entry.id   5YBN
#
_cell.length_a   172.350
_cell.length_b   172.350
_cell.length_c   45.291
_cell.angle_alpha   90.00
_cell.angle_beta   90.00
_cell.angle_gamma   120.00
#
_symmetry.space_group_name_H-M   'P 62'
#
loop_
_entity.id
_entity.type
_entity.pdbx_description
1 polymer PrhA
2 non-polymer 'FE (III) ION'
3 non-polymer '2-OXOGLUTARIC ACID'
4 water water
#
_entity_poly.entity_id   1
_entity_poly.type   'polypeptide(L)'
_entity_poly.pdbx_seq_one_letter_code
;MGSSHHHHHHSSGLVPRGSHMPPRLQRFPATASADEIFAAFQEDGCVVIEGFISPEQVARFSQEVDPAMEKIPVEVTNNG
NSNDRTKRFSKCVIASPTFRNEIIESDLMHELCDRVFSKPGEGMGYHFNDNMVIEVQPGAPAQRLHRDQELYPWWNSMGP
AGPECVINFFCAVTPFTEENGATRLVPGSHLWPEFTQINERDCPQFGKIETVPAIMQPGDCYLMSGKVIHGAGHNATTTD
RRRALALAIIRRELRPMQAFSLSVPMKLAREMSERSQTMFGFRSSVQHCDVDMVHFWGNDGKDIAHHLGLISSA
;
_entity_poly.pdbx_strand_id   A,B
#
# COMPACT_ATOMS: atom_id res chain seq x y z
N LEU A 14 41.52 11.01 11.52
CA LEU A 14 42.19 9.95 10.76
C LEU A 14 42.98 10.52 9.57
N VAL A 15 42.47 11.61 9.01
CA VAL A 15 43.09 12.29 7.85
C VAL A 15 43.96 13.44 8.34
N PRO A 16 45.07 13.76 7.65
CA PRO A 16 45.89 14.93 8.03
C PRO A 16 45.08 16.21 8.08
N ARG A 17 45.46 17.10 9.00
CA ARG A 17 44.83 18.42 9.06
C ARG A 17 44.93 19.09 7.70
N GLY A 18 43.88 19.85 7.36
CA GLY A 18 43.75 20.43 6.04
C GLY A 18 43.03 19.56 5.03
N SER A 19 42.93 18.26 5.27
CA SER A 19 42.19 17.39 4.36
C SER A 19 40.70 17.61 4.52
N HIS A 20 40.00 17.54 3.40
CA HIS A 20 38.55 17.52 3.43
C HIS A 20 38.07 16.33 4.25
N MET A 21 37.06 16.57 5.11
CA MET A 21 36.47 15.51 5.91
C MET A 21 35.14 15.07 5.29
N PRO A 22 35.02 13.82 4.86
CA PRO A 22 33.78 13.34 4.27
C PRO A 22 32.65 13.30 5.28
N PRO A 23 31.41 13.04 4.86
CA PRO A 23 30.29 12.99 5.82
C PRO A 23 30.40 11.82 6.79
N ARG A 24 29.82 12.00 7.98
CA ARG A 24 29.92 11.03 9.06
C ARG A 24 28.71 10.12 9.07
N LEU A 25 28.97 8.81 9.05
CA LEU A 25 28.01 7.77 9.44
C LEU A 25 28.19 7.49 10.93
N GLN A 26 27.17 7.76 11.73
CA GLN A 26 27.25 7.42 13.14
C GLN A 26 27.12 5.90 13.29
N ARG A 27 27.78 5.38 14.32
CA ARG A 27 27.81 3.95 14.63
C ARG A 27 27.49 3.73 16.09
N PHE A 28 26.66 2.73 16.38
CA PHE A 28 26.29 2.35 17.73
C PHE A 28 26.37 0.84 17.83
N PRO A 29 26.66 0.30 19.01
CA PRO A 29 26.49 -1.13 19.22
C PRO A 29 25.01 -1.49 19.30
N ALA A 30 24.69 -2.75 18.96
CA ALA A 30 23.30 -3.19 19.05
C ALA A 30 22.77 -3.19 20.48
N THR A 31 23.66 -3.02 21.46
CA THR A 31 23.27 -2.87 22.86
C THR A 31 23.02 -1.43 23.25
N ALA A 32 23.24 -0.47 22.35
CA ALA A 32 22.86 0.91 22.64
C ALA A 32 21.34 1.00 22.76
N SER A 33 20.87 2.07 23.40
CA SER A 33 19.44 2.22 23.54
C SER A 33 18.82 2.60 22.20
N ALA A 34 17.61 2.11 21.96
CA ALA A 34 16.93 2.43 20.71
C ALA A 34 16.72 3.92 20.57
N ASP A 35 16.63 4.65 21.69
CA ASP A 35 16.49 6.11 21.61
C ASP A 35 17.76 6.75 21.09
N GLU A 36 18.92 6.28 21.55
CA GLU A 36 20.20 6.81 21.07
C GLU A 36 20.36 6.58 19.58
N ILE A 37 20.06 5.37 19.13
CA ILE A 37 20.16 5.03 17.72
C ILE A 37 19.13 5.81 16.91
N PHE A 38 17.91 5.97 17.45
CA PHE A 38 16.88 6.66 16.68
C PHE A 38 17.19 8.14 16.53
N ALA A 39 17.78 8.75 17.56
CA ALA A 39 18.19 10.15 17.45
C ALA A 39 19.16 10.34 16.30
N ALA A 40 20.12 9.43 16.15
CA ALA A 40 21.06 9.54 15.03
C ALA A 40 20.37 9.31 13.70
N PHE A 41 19.46 8.34 13.65
CA PHE A 41 18.65 8.13 12.45
C PHE A 41 17.88 9.40 12.07
N GLN A 42 17.31 10.11 13.06
CA GLN A 42 16.57 11.34 12.75
C GLN A 42 17.47 12.44 12.21
N GLU A 43 18.66 12.60 12.82
CA GLU A 43 19.58 13.65 12.38
C GLU A 43 20.06 13.40 10.97
N ASP A 44 20.51 12.18 10.69
CA ASP A 44 21.23 11.89 9.45
C ASP A 44 20.44 11.08 8.43
N GLY A 45 19.37 10.38 8.86
CA GLY A 45 18.63 9.50 7.99
C GLY A 45 19.18 8.10 7.91
N CYS A 46 20.28 7.82 8.60
CA CYS A 46 20.93 6.53 8.51
C CYS A 46 21.89 6.42 9.67
N VAL A 47 22.19 5.19 10.06
CA VAL A 47 22.98 4.92 11.25
C VAL A 47 23.40 3.46 11.21
N VAL A 48 24.64 3.16 11.61
CA VAL A 48 25.13 1.78 11.66
C VAL A 48 24.85 1.22 13.04
N ILE A 49 24.32 0.00 13.08
CA ILE A 49 24.13 -0.75 14.31
C ILE A 49 25.08 -1.94 14.23
N GLU A 50 26.16 -1.88 14.99
CA GLU A 50 27.15 -2.96 14.97
C GLU A 50 26.67 -4.12 15.80
N GLY A 51 26.82 -5.33 15.28
CA GLY A 51 26.32 -6.49 15.98
C GLY A 51 24.81 -6.61 15.97
N PHE A 52 24.14 -5.94 15.04
CA PHE A 52 22.70 -6.09 14.88
C PHE A 52 22.29 -7.56 14.88
N ILE A 53 23.06 -8.39 14.17
CA ILE A 53 22.95 -9.84 14.17
C ILE A 53 24.24 -10.39 14.78
N SER A 54 24.14 -11.52 15.46
CA SER A 54 25.39 -12.04 16.01
C SER A 54 26.22 -12.71 14.91
N PRO A 55 27.56 -12.71 15.05
CA PRO A 55 28.39 -13.38 14.03
C PRO A 55 28.02 -14.83 13.83
N GLU A 56 27.51 -15.49 14.87
CA GLU A 56 27.07 -16.87 14.71
C GLU A 56 25.75 -16.94 13.96
N GLN A 57 24.79 -16.07 14.28
CA GLN A 57 23.54 -16.04 13.54
C GLN A 57 23.79 -15.70 12.07
N VAL A 58 24.68 -14.74 11.80
CA VAL A 58 24.90 -14.31 10.43
C VAL A 58 25.55 -15.44 9.62
N ALA A 59 26.45 -16.19 10.26
CA ALA A 59 27.11 -17.30 9.57
C ALA A 59 26.13 -18.46 9.29
N ARG A 60 25.29 -18.82 10.26
CA ARG A 60 24.26 -19.82 10.00
C ARG A 60 23.28 -19.35 8.92
N PHE A 61 22.92 -18.07 8.94
CA PHE A 61 22.03 -17.57 7.89
C PHE A 61 22.67 -17.74 6.52
N SER A 62 23.91 -17.26 6.38
CA SER A 62 24.57 -17.34 5.08
C SER A 62 24.69 -18.79 4.61
N GLN A 63 25.05 -19.69 5.52
CA GLN A 63 25.11 -21.10 5.15
C GLN A 63 23.74 -21.62 4.75
N GLU A 64 22.69 -21.19 5.45
CA GLU A 64 21.34 -21.68 5.16
C GLU A 64 20.79 -21.17 3.83
N VAL A 65 21.17 -19.96 3.40
CA VAL A 65 20.72 -19.46 2.10
C VAL A 65 21.71 -19.74 0.98
N ASP A 66 22.88 -20.31 1.31
CA ASP A 66 23.91 -20.49 0.29
C ASP A 66 23.51 -21.45 -0.82
N PRO A 67 22.88 -22.61 -0.57
CA PRO A 67 22.44 -23.43 -1.70
C PRO A 67 21.59 -22.68 -2.69
N ALA A 68 20.65 -21.85 -2.21
CA ALA A 68 19.79 -21.12 -3.13
C ALA A 68 20.57 -20.04 -3.88
N MET A 69 21.58 -19.45 -3.23
CA MET A 69 22.39 -18.45 -3.91
C MET A 69 23.23 -19.07 -5.02
N GLU A 70 23.72 -20.30 -4.80
CA GLU A 70 24.50 -20.98 -5.83
C GLU A 70 23.66 -21.26 -7.08
N LYS A 71 22.36 -21.46 -6.91
CA LYS A 71 21.51 -21.80 -8.05
C LYS A 71 21.14 -20.59 -8.89
N ILE A 72 21.32 -19.39 -8.36
CA ILE A 72 20.99 -18.16 -9.07
C ILE A 72 22.15 -17.82 -10.00
N PRO A 73 21.92 -17.70 -11.30
CA PRO A 73 23.03 -17.37 -12.20
C PRO A 73 23.40 -15.90 -12.12
N VAL A 74 24.68 -15.62 -12.30
CA VAL A 74 25.14 -14.23 -12.40
C VAL A 74 24.76 -13.71 -13.78
N GLU A 75 24.03 -12.60 -13.81
CA GLU A 75 23.58 -12.02 -15.05
C GLU A 75 24.54 -10.91 -15.46
N VAL A 76 25.16 -11.08 -16.63
CA VAL A 76 26.07 -10.10 -17.21
C VAL A 76 25.40 -9.57 -18.48
N THR A 77 25.36 -8.25 -18.62
CA THR A 77 24.69 -7.60 -19.74
C THR A 77 25.66 -6.62 -20.39
N ASN A 78 25.22 -6.02 -21.50
CA ASN A 78 26.03 -5.07 -22.25
C ASN A 78 25.70 -3.61 -21.94
N ASN A 79 24.86 -3.34 -20.93
CA ASN A 79 24.59 -1.99 -20.45
C ASN A 79 25.01 -1.93 -18.98
N GLY A 80 26.00 -1.08 -18.68
CA GLY A 80 26.44 -0.93 -17.31
C GLY A 80 25.39 -0.32 -16.39
N ASN A 81 24.54 0.55 -16.94
CA ASN A 81 23.45 1.22 -16.22
C ASN A 81 22.29 0.27 -15.89
N SER A 82 22.47 -1.03 -16.06
CA SER A 82 21.41 -2.01 -15.83
C SER A 82 21.39 -2.56 -14.41
N ASN A 83 22.47 -2.35 -13.64
CA ASN A 83 22.59 -2.88 -12.28
C ASN A 83 22.58 -4.42 -12.30
N ASP A 84 23.47 -4.97 -13.13
CA ASP A 84 23.60 -6.42 -13.29
C ASP A 84 24.65 -6.95 -12.32
N ARG A 85 25.02 -8.23 -12.51
CA ARG A 85 26.05 -8.88 -11.70
CA ARG A 85 26.05 -8.88 -11.70
C ARG A 85 25.76 -8.74 -10.21
N THR A 86 24.47 -8.79 -9.86
CA THR A 86 24.00 -8.72 -8.47
C THR A 86 22.93 -9.78 -8.29
N LYS A 87 23.20 -10.80 -7.47
CA LYS A 87 22.21 -11.82 -7.18
C LYS A 87 21.23 -11.33 -6.13
N ARG A 88 19.95 -11.70 -6.28
CA ARG A 88 18.89 -11.23 -5.40
C ARG A 88 17.94 -12.39 -5.10
N PHE A 89 17.68 -12.63 -3.81
CA PHE A 89 16.93 -13.80 -3.35
C PHE A 89 16.04 -13.38 -2.19
N SER A 90 14.73 -13.63 -2.30
CA SER A 90 13.77 -13.15 -1.31
C SER A 90 13.09 -14.26 -0.51
N LYS A 91 13.43 -15.53 -0.72
CA LYS A 91 12.76 -16.59 0.04
C LYS A 91 13.53 -16.92 1.31
N CYS A 92 13.83 -15.88 2.09
CA CYS A 92 14.62 -16.06 3.31
C CYS A 92 13.88 -16.89 4.35
N VAL A 93 12.57 -16.68 4.51
CA VAL A 93 11.81 -17.44 5.51
C VAL A 93 11.81 -18.91 5.14
N ILE A 94 11.53 -19.20 3.86
CA ILE A 94 11.47 -20.59 3.42
C ILE A 94 12.82 -21.27 3.60
N ALA A 95 13.91 -20.57 3.26
CA ALA A 95 15.20 -21.23 3.17
C ALA A 95 15.96 -21.31 4.49
N SER A 96 15.63 -20.48 5.47
CA SER A 96 16.52 -20.26 6.61
C SER A 96 15.79 -20.30 7.94
N PRO A 97 15.98 -21.34 8.75
CA PRO A 97 15.45 -21.32 10.12
C PRO A 97 15.97 -20.16 10.96
N THR A 98 17.27 -19.85 10.86
CA THR A 98 17.83 -18.75 11.64
C THR A 98 17.14 -17.44 11.30
N PHE A 99 16.82 -17.22 10.02
CA PHE A 99 16.15 -15.99 9.64
C PHE A 99 14.77 -15.88 10.27
N ARG A 100 13.95 -16.92 10.10
CA ARG A 100 12.57 -16.83 10.54
C ARG A 100 12.40 -17.01 12.04
N ASN A 101 13.34 -17.70 12.70
CA ASN A 101 13.25 -17.95 14.14
C ASN A 101 13.96 -16.88 14.96
N GLU A 102 14.97 -16.22 14.40
CA GLU A 102 15.80 -15.32 15.19
C GLU A 102 15.95 -13.93 14.58
N ILE A 103 16.34 -13.85 13.30
CA ILE A 103 16.67 -12.55 12.72
C ILE A 103 15.46 -11.63 12.70
N ILE A 104 14.32 -12.12 12.23
CA ILE A 104 13.11 -11.28 12.23
C ILE A 104 12.54 -11.05 13.62
N GLU A 105 13.11 -11.67 14.65
CA GLU A 105 12.65 -11.48 16.03
C GLU A 105 13.52 -10.49 16.80
N SER A 106 14.29 -9.65 16.10
CA SER A 106 15.07 -8.60 16.73
C SER A 106 14.16 -7.58 17.42
N ASP A 107 14.22 -7.50 18.75
CA ASP A 107 13.46 -6.48 19.46
C ASP A 107 13.95 -5.08 19.13
N LEU A 108 15.27 -4.92 18.96
CA LEU A 108 15.80 -3.62 18.59
C LEU A 108 15.25 -3.19 17.25
N MET A 109 15.11 -4.13 16.31
CA MET A 109 14.52 -3.82 15.02
C MET A 109 13.08 -3.35 15.17
N HIS A 110 12.29 -4.04 15.99
CA HIS A 110 10.90 -3.65 16.16
C HIS A 110 10.76 -2.39 17.00
N GLU A 111 11.62 -2.19 17.99
CA GLU A 111 11.63 -0.92 18.72
CA GLU A 111 11.63 -0.92 18.72
C GLU A 111 11.78 0.25 17.77
N LEU A 112 12.74 0.15 16.84
CA LEU A 112 12.99 1.23 15.90
C LEU A 112 11.85 1.38 14.89
N CYS A 113 11.26 0.24 14.45
CA CYS A 113 10.12 0.31 13.54
C CYS A 113 8.93 1.01 14.18
N ASP A 114 8.72 0.79 15.48
CA ASP A 114 7.62 1.46 16.17
C ASP A 114 7.86 2.97 16.25
N ARG A 115 9.10 3.37 16.60
CA ARG A 115 9.44 4.78 16.65
C ARG A 115 9.29 5.48 15.31
N VAL A 116 9.39 4.73 14.21
CA VAL A 116 9.19 5.28 12.86
C VAL A 116 7.71 5.24 12.48
N PHE A 117 7.05 4.10 12.67
CA PHE A 117 5.81 3.83 11.95
C PHE A 117 4.56 3.75 12.81
N SER A 118 4.67 3.44 14.10
CA SER A 118 3.50 3.04 14.88
C SER A 118 2.85 4.24 15.55
N LYS A 119 1.56 4.41 15.31
CA LYS A 119 0.76 5.52 15.81
C LYS A 119 0.05 5.12 17.12
N PRO A 120 -0.21 6.09 17.99
CA PRO A 120 -0.77 5.78 19.31
C PRO A 120 -2.05 4.96 19.23
N GLY A 121 -2.05 3.84 19.94
CA GLY A 121 -3.24 3.01 20.04
C GLY A 121 -3.71 2.40 18.74
N GLU A 122 -2.81 2.18 17.78
CA GLU A 122 -3.15 1.56 16.51
C GLU A 122 -2.32 0.31 16.22
N GLY A 123 -1.65 -0.26 17.23
CA GLY A 123 -0.88 -1.47 16.98
C GLY A 123 0.29 -1.22 16.03
N MET A 124 0.82 -2.32 15.48
CA MET A 124 1.96 -2.26 14.59
C MET A 124 1.64 -1.46 13.34
N GLY A 125 2.39 -0.41 13.11
CA GLY A 125 2.15 0.43 11.95
C GLY A 125 2.91 0.05 10.70
N TYR A 126 3.58 -1.10 10.68
CA TYR A 126 4.51 -1.46 9.61
C TYR A 126 4.35 -2.95 9.29
N HIS A 127 4.93 -3.36 8.17
CA HIS A 127 5.08 -4.78 7.83
C HIS A 127 6.23 -4.91 6.85
N PHE A 128 6.50 -6.13 6.41
CA PHE A 128 7.63 -6.38 5.51
C PHE A 128 7.30 -5.97 4.08
N ASN A 129 8.22 -5.21 3.49
CA ASN A 129 8.20 -5.01 2.05
C ASN A 129 8.89 -6.16 1.33
N ASP A 130 10.03 -6.60 1.85
CA ASP A 130 10.87 -7.61 1.22
C ASP A 130 11.85 -8.15 2.25
N ASN A 131 12.41 -9.34 1.96
CA ASN A 131 13.54 -9.93 2.71
C ASN A 131 14.55 -10.35 1.66
N MET A 132 15.48 -9.49 1.26
CA MET A 132 16.26 -9.77 0.07
C MET A 132 17.74 -9.97 0.38
N VAL A 133 18.27 -11.13 0.03
CA VAL A 133 19.71 -11.32 -0.02
C VAL A 133 20.20 -10.69 -1.31
N ILE A 134 21.14 -9.76 -1.20
CA ILE A 134 21.67 -9.00 -2.33
C ILE A 134 23.18 -9.21 -2.34
N GLU A 135 23.68 -10.02 -3.27
CA GLU A 135 25.09 -10.37 -3.33
C GLU A 135 25.73 -9.75 -4.58
N VAL A 136 26.56 -8.73 -4.38
CA VAL A 136 27.12 -7.95 -5.48
C VAL A 136 28.39 -8.65 -5.95
N GLN A 137 28.36 -9.14 -7.20
CA GLN A 137 29.44 -9.98 -7.69
C GLN A 137 30.69 -9.17 -8.03
N PRO A 138 31.85 -9.81 -8.08
CA PRO A 138 33.08 -9.14 -8.49
C PRO A 138 32.94 -8.38 -9.81
N GLY A 139 33.34 -7.11 -9.80
CA GLY A 139 33.27 -6.28 -10.98
C GLY A 139 31.92 -5.65 -11.27
N ALA A 140 30.90 -5.92 -10.46
CA ALA A 140 29.60 -5.35 -10.74
C ALA A 140 29.67 -3.83 -10.77
N PRO A 141 29.00 -3.18 -11.72
CA PRO A 141 29.02 -1.71 -11.75
C PRO A 141 28.25 -1.11 -10.59
N ALA A 142 28.60 0.13 -10.26
CA ALA A 142 27.88 0.86 -9.22
C ALA A 142 26.43 1.11 -9.62
N GLN A 143 25.57 1.16 -8.61
CA GLN A 143 24.14 1.37 -8.81
C GLN A 143 23.82 2.86 -8.77
N ARG A 144 22.88 3.29 -9.60
CA ARG A 144 22.50 4.71 -9.63
C ARG A 144 22.11 5.21 -8.24
N LEU A 145 22.41 6.48 -7.97
CA LEU A 145 21.94 7.09 -6.74
C LEU A 145 20.42 7.19 -6.77
N HIS A 146 19.78 6.84 -5.65
CA HIS A 146 18.32 6.82 -5.60
C HIS A 146 17.88 6.89 -4.14
N ARG A 147 16.59 7.19 -3.95
CA ARG A 147 15.91 7.04 -2.68
C ARG A 147 15.01 5.82 -2.79
N ASP A 148 14.89 5.04 -1.69
CA ASP A 148 14.09 3.84 -1.79
C ASP A 148 12.60 4.15 -1.86
N GLN A 149 12.17 5.28 -1.29
CA GLN A 149 10.77 5.62 -1.44
C GLN A 149 10.42 5.97 -2.87
N GLU A 150 11.38 5.99 -3.80
CA GLU A 150 11.02 6.12 -5.21
C GLU A 150 10.15 4.97 -5.69
N LEU A 151 10.18 3.83 -4.98
CA LEU A 151 9.29 2.72 -5.28
C LEU A 151 7.80 3.12 -5.18
N TYR A 152 7.48 4.09 -4.31
CA TYR A 152 6.14 4.64 -4.19
C TYR A 152 6.20 6.02 -4.82
N PRO A 153 5.86 6.13 -6.11
CA PRO A 153 6.39 7.23 -6.96
C PRO A 153 5.94 8.62 -6.55
N TRP A 154 4.85 8.76 -5.82
CA TRP A 154 4.38 10.05 -5.35
C TRP A 154 5.07 10.53 -4.09
N TRP A 155 5.91 9.71 -3.44
CA TRP A 155 6.33 10.08 -2.09
C TRP A 155 7.26 11.30 -2.10
N ASN A 156 8.17 11.38 -3.08
CA ASN A 156 9.13 12.48 -3.10
C ASN A 156 8.43 13.84 -3.13
N SER A 157 7.22 13.89 -3.69
CA SER A 157 6.51 15.15 -3.82
C SER A 157 6.07 15.71 -2.47
N MET A 158 6.06 14.92 -1.41
CA MET A 158 5.77 15.49 -0.11
C MET A 158 6.99 16.09 0.56
N GLY A 159 8.17 15.94 -0.05
CA GLY A 159 9.36 16.55 0.48
C GLY A 159 9.75 15.99 1.83
N PRO A 160 10.74 16.63 2.47
CA PRO A 160 11.16 16.16 3.82
C PRO A 160 10.08 16.26 4.88
N ALA A 161 8.99 17.00 4.61
CA ALA A 161 7.87 17.11 5.53
C ALA A 161 6.96 15.89 5.48
N GLY A 162 7.06 15.07 4.43
CA GLY A 162 6.25 13.88 4.33
C GLY A 162 6.57 12.88 5.41
N PRO A 163 5.65 11.98 5.68
CA PRO A 163 5.94 10.88 6.60
C PRO A 163 6.88 9.88 5.94
N GLU A 164 7.33 8.90 6.72
CA GLU A 164 8.19 7.85 6.22
C GLU A 164 7.38 6.84 5.39
N CYS A 165 7.89 6.50 4.18
CA CYS A 165 7.33 5.40 3.37
C CYS A 165 7.94 4.08 3.82
N VAL A 166 9.28 4.00 3.80
CA VAL A 166 9.98 2.73 3.91
C VAL A 166 11.27 2.94 4.69
N ILE A 167 11.69 1.92 5.43
CA ILE A 167 13.03 1.89 6.02
C ILE A 167 13.66 0.53 5.71
N ASN A 168 14.98 0.49 5.80
CA ASN A 168 15.73 -0.70 5.46
C ASN A 168 16.75 -0.94 6.55
N PHE A 169 16.75 -2.15 7.13
CA PHE A 169 17.87 -2.66 7.95
C PHE A 169 18.72 -3.47 7.00
N PHE A 170 19.81 -2.90 6.57
CA PHE A 170 20.63 -3.45 5.49
C PHE A 170 21.86 -4.05 6.14
N CYS A 171 21.88 -5.37 6.26
CA CYS A 171 22.86 -6.08 7.09
C CYS A 171 24.00 -6.63 6.25
N ALA A 172 25.23 -6.43 6.72
CA ALA A 172 26.37 -7.12 6.13
C ALA A 172 26.29 -8.61 6.47
N VAL A 173 26.15 -9.45 5.45
CA VAL A 173 26.31 -10.89 5.66
C VAL A 173 27.78 -11.30 5.53
N THR A 174 28.46 -10.86 4.48
CA THR A 174 29.90 -10.85 4.43
C THR A 174 30.38 -9.39 4.58
N PRO A 175 31.67 -9.17 4.80
CA PRO A 175 32.15 -7.80 5.06
C PRO A 175 31.83 -6.80 3.95
N PHE A 176 31.57 -5.57 4.36
CA PHE A 176 31.38 -4.43 3.47
C PHE A 176 32.64 -3.60 3.48
N THR A 177 33.26 -3.41 2.31
CA THR A 177 34.45 -2.60 2.17
C THR A 177 34.22 -1.59 1.06
N GLU A 178 35.05 -0.55 1.02
CA GLU A 178 34.95 0.42 -0.07
C GLU A 178 35.23 -0.23 -1.41
N GLU A 179 36.12 -1.23 -1.42
CA GLU A 179 36.51 -1.88 -2.66
C GLU A 179 35.43 -2.84 -3.18
N ASN A 180 34.78 -3.62 -2.29
CA ASN A 180 33.84 -4.63 -2.75
C ASN A 180 32.42 -4.11 -2.97
N GLY A 181 32.19 -2.81 -2.88
CA GLY A 181 30.93 -2.24 -3.25
C GLY A 181 29.96 -1.92 -2.13
N ALA A 182 30.46 -1.71 -0.90
CA ALA A 182 29.60 -1.26 0.19
C ALA A 182 28.75 -0.08 -0.25
N THR A 183 27.51 -0.03 0.23
CA THR A 183 26.57 1.01 -0.21
C THR A 183 27.14 2.40 0.02
N ARG A 184 26.99 3.26 -0.97
CA ARG A 184 27.37 4.66 -0.80
C ARG A 184 26.13 5.44 -0.37
N LEU A 185 26.22 6.14 0.76
CA LEU A 185 25.08 6.81 1.37
C LEU A 185 25.30 8.32 1.40
N VAL A 186 24.20 9.07 1.47
CA VAL A 186 24.28 10.52 1.53
C VAL A 186 23.55 10.99 2.78
N PRO A 187 24.24 11.06 3.91
CA PRO A 187 23.59 11.52 5.15
C PRO A 187 23.03 12.92 5.00
N GLY A 188 21.90 13.15 5.67
CA GLY A 188 21.26 14.44 5.59
C GLY A 188 20.47 14.69 4.32
N SER A 189 20.50 13.77 3.36
CA SER A 189 19.68 13.97 2.16
C SER A 189 18.21 13.74 2.42
N HIS A 190 17.84 13.23 3.60
CA HIS A 190 16.43 13.17 3.97
C HIS A 190 15.87 14.55 4.33
N LEU A 191 16.73 15.57 4.42
CA LEU A 191 16.34 16.93 4.81
C LEU A 191 16.52 17.97 3.70
N TRP A 192 16.91 17.55 2.49
CA TRP A 192 16.98 18.49 1.38
C TRP A 192 15.60 19.06 1.09
N PRO A 193 15.53 20.34 0.68
CA PRO A 193 14.21 20.97 0.50
C PRO A 193 13.34 20.34 -0.56
N GLU A 194 13.92 19.83 -1.64
CA GLU A 194 13.17 19.18 -2.69
C GLU A 194 13.74 17.79 -2.92
N PHE A 195 12.84 16.82 -3.06
CA PHE A 195 13.20 15.44 -3.37
C PHE A 195 12.92 15.24 -4.86
N THR A 196 13.96 15.07 -5.65
CA THR A 196 13.82 14.75 -7.06
C THR A 196 14.50 13.41 -7.33
N GLN A 197 14.23 12.87 -8.50
CA GLN A 197 15.10 11.82 -9.00
C GLN A 197 16.49 12.38 -9.25
N ILE A 198 17.49 11.52 -9.06
CA ILE A 198 18.90 11.95 -9.17
C ILE A 198 19.30 11.70 -10.61
N ASN A 199 18.95 12.65 -11.48
CA ASN A 199 19.36 12.62 -12.87
C ASN A 199 19.80 14.02 -13.27
N GLU A 200 20.40 14.12 -14.46
CA GLU A 200 20.95 15.41 -14.89
C GLU A 200 19.84 16.42 -15.09
N ARG A 201 18.66 15.99 -15.55
CA ARG A 201 17.59 16.94 -15.83
C ARG A 201 16.97 17.49 -14.55
N ASP A 202 16.76 16.64 -13.56
CA ASP A 202 15.95 17.05 -12.42
C ASP A 202 16.76 17.47 -11.20
N CYS A 203 18.00 17.00 -11.06
CA CYS A 203 18.75 17.20 -9.83
C CYS A 203 19.85 18.22 -10.05
N PRO A 204 19.75 19.40 -9.46
CA PRO A 204 20.82 20.41 -9.67
C PRO A 204 22.18 19.94 -9.22
N GLN A 205 22.25 19.20 -8.11
CA GLN A 205 23.50 18.70 -7.57
C GLN A 205 24.05 17.50 -8.32
N PHE A 206 23.45 17.15 -9.47
CA PHE A 206 23.85 15.93 -10.17
C PHE A 206 25.34 15.93 -10.47
N GLY A 207 26.02 14.83 -10.14
CA GLY A 207 27.46 14.73 -10.31
C GLY A 207 28.28 15.40 -9.24
N LYS A 208 27.66 16.16 -8.35
CA LYS A 208 28.35 16.87 -7.28
C LYS A 208 27.91 16.38 -5.90
N ILE A 209 27.35 15.17 -5.81
CA ILE A 209 26.78 14.67 -4.56
C ILE A 209 27.83 13.81 -3.89
N GLU A 210 28.18 14.16 -2.65
CA GLU A 210 29.21 13.43 -1.92
C GLU A 210 28.60 12.30 -1.12
N THR A 211 29.13 11.10 -1.29
CA THR A 211 28.67 9.92 -0.59
C THR A 211 29.75 9.42 0.37
N VAL A 212 29.35 8.46 1.22
CA VAL A 212 30.22 7.84 2.21
C VAL A 212 29.88 6.35 2.24
N PRO A 213 30.87 5.45 2.27
CA PRO A 213 30.55 4.02 2.25
C PRO A 213 30.14 3.51 3.62
N ALA A 214 29.26 2.51 3.61
CA ALA A 214 28.83 1.85 4.84
C ALA A 214 29.77 0.66 5.07
N ILE A 215 30.89 0.92 5.73
CA ILE A 215 31.86 -0.11 6.06
C ILE A 215 31.35 -0.90 7.25
N MET A 216 31.23 -2.21 7.09
CA MET A 216 30.57 -3.02 8.12
C MET A 216 31.19 -4.39 8.16
N GLN A 217 31.18 -4.99 9.34
CA GLN A 217 31.54 -6.38 9.58
C GLN A 217 30.28 -7.24 9.54
N PRO A 218 30.43 -8.55 9.32
CA PRO A 218 29.27 -9.45 9.31
C PRO A 218 28.41 -9.30 10.55
N GLY A 219 27.10 -9.15 10.33
CA GLY A 219 26.16 -8.93 11.41
C GLY A 219 25.86 -7.48 11.69
N ASP A 220 26.76 -6.56 11.33
CA ASP A 220 26.41 -5.16 11.34
C ASP A 220 25.28 -4.90 10.35
N CYS A 221 24.55 -3.81 10.58
CA CYS A 221 23.60 -3.33 9.61
C CYS A 221 23.61 -1.81 9.68
N TYR A 222 23.12 -1.17 8.63
CA TYR A 222 22.73 0.22 8.75
C TYR A 222 21.22 0.29 8.61
N LEU A 223 20.59 1.12 9.44
CA LEU A 223 19.20 1.47 9.30
C LEU A 223 19.11 2.74 8.45
N MET A 224 18.32 2.70 7.39
CA MET A 224 18.32 3.81 6.44
C MET A 224 16.91 4.21 6.06
N SER A 225 16.64 5.50 6.19
CA SER A 225 15.36 6.07 5.80
C SER A 225 15.14 5.95 4.30
N GLY A 226 13.88 5.79 3.90
CA GLY A 226 13.58 5.85 2.48
C GLY A 226 13.81 7.21 1.83
N LYS A 227 14.11 8.24 2.62
CA LYS A 227 14.40 9.58 2.09
C LYS A 227 15.87 9.82 1.81
N VAL A 228 16.75 8.85 2.06
CA VAL A 228 18.19 9.04 1.96
C VAL A 228 18.66 8.58 0.58
N ILE A 229 19.41 9.45 -0.09
CA ILE A 229 20.04 9.13 -1.36
C ILE A 229 21.17 8.14 -1.13
N HIS A 230 21.22 7.08 -1.93
CA HIS A 230 22.22 6.06 -1.74
C HIS A 230 22.33 5.28 -3.05
N GLY A 231 23.30 4.37 -3.07
CA GLY A 231 23.50 3.49 -4.20
C GLY A 231 24.61 2.49 -3.92
N ALA A 232 24.39 1.24 -4.30
CA ALA A 232 25.44 0.22 -4.15
C ALA A 232 26.71 0.66 -4.89
N GLY A 233 27.84 0.38 -4.29
CA GLY A 233 29.07 0.77 -4.91
C GLY A 233 29.53 -0.21 -5.97
N HIS A 234 30.57 0.19 -6.69
CA HIS A 234 31.27 -0.70 -7.60
C HIS A 234 32.05 -1.75 -6.80
N ASN A 235 31.89 -3.01 -7.17
CA ASN A 235 32.73 -4.07 -6.59
C ASN A 235 33.98 -4.16 -7.47
N ALA A 236 35.02 -3.46 -7.05
CA ALA A 236 36.27 -3.41 -7.82
C ALA A 236 37.16 -4.62 -7.58
N THR A 237 36.73 -5.59 -6.78
CA THR A 237 37.55 -6.74 -6.49
C THR A 237 37.36 -7.80 -7.56
N THR A 238 38.17 -8.87 -7.47
CA THR A 238 38.10 -9.99 -8.38
C THR A 238 37.45 -11.22 -7.75
N THR A 239 37.42 -11.31 -6.42
CA THR A 239 36.98 -12.52 -5.73
C THR A 239 35.91 -12.30 -4.67
N ASP A 240 35.59 -11.06 -4.33
CA ASP A 240 34.69 -10.77 -3.21
C ASP A 240 33.26 -10.71 -3.71
N ARG A 241 32.46 -11.72 -3.34
CA ARG A 241 31.01 -11.67 -3.53
C ARG A 241 30.42 -11.05 -2.26
N ARG A 242 29.99 -9.79 -2.36
CA ARG A 242 29.58 -8.98 -1.21
C ARG A 242 28.13 -9.28 -0.88
N ARG A 243 27.89 -10.04 0.17
CA ARG A 243 26.55 -10.52 0.50
C ARG A 243 25.89 -9.61 1.52
N ALA A 244 24.66 -9.18 1.23
CA ALA A 244 23.86 -8.36 2.12
C ALA A 244 22.52 -9.03 2.35
N LEU A 245 21.86 -8.62 3.43
CA LEU A 245 20.48 -8.99 3.74
C LEU A 245 19.70 -7.71 3.98
N ALA A 246 18.73 -7.43 3.12
CA ALA A 246 17.95 -6.20 3.19
C ALA A 246 16.60 -6.51 3.84
N LEU A 247 16.37 -5.97 5.04
CA LEU A 247 15.10 -6.08 5.74
C LEU A 247 14.35 -4.78 5.48
N ALA A 248 13.48 -4.79 4.48
CA ALA A 248 12.78 -3.61 3.98
C ALA A 248 11.38 -3.57 4.58
N ILE A 249 11.06 -2.45 5.24
CA ILE A 249 9.89 -2.37 6.11
C ILE A 249 9.12 -1.11 5.74
N ILE A 250 7.82 -1.27 5.49
CA ILE A 250 6.95 -0.24 4.94
C ILE A 250 5.79 0.00 5.91
N ARG A 251 5.12 1.15 5.69
CA ARG A 251 3.85 1.43 6.36
C ARG A 251 2.83 0.33 6.05
N ARG A 252 1.94 0.11 7.01
CA ARG A 252 0.93 -0.93 6.86
C ARG A 252 -0.03 -0.65 5.70
N GLU A 253 -0.16 0.60 5.28
CA GLU A 253 -1.08 0.94 4.21
C GLU A 253 -0.45 0.81 2.83
N LEU A 254 0.79 0.34 2.74
CA LEU A 254 1.49 0.22 1.47
C LEU A 254 1.60 -1.25 1.07
N ARG A 255 1.70 -1.47 -0.23
CA ARG A 255 1.70 -2.83 -0.77
C ARG A 255 3.10 -3.42 -0.71
N PRO A 256 3.24 -4.67 -0.27
CA PRO A 256 4.56 -5.31 -0.25
C PRO A 256 5.00 -5.72 -1.65
N MET A 257 6.33 -5.76 -1.82
CA MET A 257 6.90 -6.25 -3.06
C MET A 257 6.78 -7.76 -3.21
N GLN A 258 6.70 -8.48 -2.09
CA GLN A 258 6.54 -9.91 -2.10
C GLN A 258 5.18 -10.27 -1.51
N ALA A 259 4.51 -11.21 -2.18
CA ALA A 259 3.27 -11.83 -1.67
C ALA A 259 3.62 -12.95 -0.69
N PHE A 260 4.17 -12.55 0.45
CA PHE A 260 4.72 -13.53 1.39
C PHE A 260 3.64 -14.46 1.93
N SER A 261 2.44 -13.94 2.19
CA SER A 261 1.38 -14.79 2.71
C SER A 261 0.92 -15.82 1.69
N LEU A 262 1.28 -15.69 0.42
CA LEU A 262 0.88 -16.65 -0.58
C LEU A 262 2.02 -17.56 -1.01
N SER A 263 3.26 -17.26 -0.66
CA SER A 263 4.35 -18.17 -0.99
C SER A 263 4.97 -18.86 0.22
N VAL A 264 4.94 -18.22 1.38
CA VAL A 264 5.43 -18.88 2.60
C VAL A 264 4.41 -19.90 3.06
N PRO A 265 4.78 -21.16 3.30
CA PRO A 265 3.80 -22.19 3.65
C PRO A 265 3.17 -21.94 5.02
N MET A 266 1.91 -22.39 5.16
CA MET A 266 1.22 -22.21 6.44
C MET A 266 1.93 -22.92 7.57
N LYS A 267 2.63 -24.03 7.29
CA LYS A 267 3.42 -24.72 8.32
C LYS A 267 4.36 -23.76 9.02
N LEU A 268 5.01 -22.87 8.24
CA LEU A 268 5.93 -21.89 8.83
C LEU A 268 5.17 -20.73 9.44
N ALA A 269 4.01 -20.36 8.89
CA ALA A 269 3.19 -19.32 9.48
C ALA A 269 2.75 -19.70 10.89
N ARG A 270 2.31 -20.94 11.07
CA ARG A 270 1.89 -21.38 12.39
C ARG A 270 3.00 -21.31 13.43
N GLU A 271 4.27 -21.38 13.02
CA GLU A 271 5.39 -21.30 13.93
C GLU A 271 5.80 -19.87 14.25
N MET A 272 5.19 -18.87 13.61
CA MET A 272 5.59 -17.48 13.78
C MET A 272 4.94 -16.88 15.00
N SER A 273 5.65 -15.92 15.61
CA SER A 273 5.03 -15.12 16.63
C SER A 273 3.94 -14.27 15.99
N GLU A 274 3.10 -13.66 16.83
CA GLU A 274 2.01 -12.87 16.29
C GLU A 274 2.53 -11.66 15.54
N ARG A 275 3.60 -11.03 16.06
CA ARG A 275 4.14 -9.87 15.36
C ARG A 275 4.78 -10.28 14.05
N SER A 276 5.37 -11.47 13.98
CA SER A 276 5.94 -11.92 12.71
C SER A 276 4.85 -12.29 11.71
N GLN A 277 3.74 -12.88 12.17
CA GLN A 277 2.62 -13.12 11.28
C GLN A 277 2.08 -11.82 10.74
N THR A 278 2.00 -10.78 11.57
CA THR A 278 1.62 -9.47 11.08
C THR A 278 2.59 -8.95 10.02
N MET A 279 3.90 -9.19 10.22
CA MET A 279 4.91 -8.70 9.28
C MET A 279 4.74 -9.32 7.90
N PHE A 280 4.33 -10.58 7.85
CA PHE A 280 4.18 -11.27 6.58
C PHE A 280 2.74 -11.32 6.07
N GLY A 281 1.81 -10.68 6.77
CA GLY A 281 0.45 -10.64 6.28
C GLY A 281 -0.36 -11.89 6.54
N PHE A 282 0.05 -12.72 7.48
CA PHE A 282 -0.80 -13.79 8.00
C PHE A 282 -1.74 -13.30 9.08
N ARG A 283 -1.66 -12.03 9.44
CA ARG A 283 -2.46 -11.46 10.51
C ARG A 283 -2.73 -10.02 10.14
N SER A 284 -3.94 -9.54 10.45
CA SER A 284 -4.34 -8.19 10.06
C SER A 284 -3.82 -7.14 11.04
N SER A 285 -4.08 -5.87 10.70
CA SER A 285 -3.81 -4.72 11.55
CA SER A 285 -3.81 -4.72 11.55
C SER A 285 -5.04 -3.82 11.55
N VAL A 286 -5.15 -2.98 12.59
CA VAL A 286 -6.34 -2.13 12.77
C VAL A 286 -5.91 -0.68 12.90
N GLN A 287 -6.36 0.15 11.97
CA GLN A 287 -6.12 1.58 11.98
C GLN A 287 -7.40 2.31 12.39
N HIS A 288 -7.23 3.47 13.02
CA HIS A 288 -8.35 4.32 13.40
C HIS A 288 -8.37 5.54 12.50
N CYS A 289 -9.51 5.78 11.88
CA CYS A 289 -9.72 6.88 10.96
C CYS A 289 -10.83 7.75 11.53
N ASP A 290 -10.45 8.92 12.07
CA ASP A 290 -11.34 9.71 12.92
C ASP A 290 -12.00 8.80 13.95
N VAL A 291 -13.31 8.60 13.84
CA VAL A 291 -13.99 7.68 14.75
C VAL A 291 -13.99 6.28 14.17
N VAL A 294 -10.94 0.68 11.22
CA VAL A 294 -10.87 -0.12 10.00
C VAL A 294 -9.63 -1.01 9.95
N HIS A 295 -9.83 -2.26 9.54
CA HIS A 295 -8.74 -3.19 9.29
C HIS A 295 -8.05 -2.91 7.96
N PHE A 296 -6.73 -2.97 7.94
CA PHE A 296 -6.02 -3.22 6.70
C PHE A 296 -5.75 -4.72 6.59
N TRP A 297 -5.97 -5.27 5.39
CA TRP A 297 -5.65 -6.66 5.10
C TRP A 297 -6.49 -7.59 5.97
N GLY A 298 -7.78 -7.27 6.07
CA GLY A 298 -8.70 -7.96 6.94
C GLY A 298 -9.62 -8.91 6.19
N ASN A 299 -10.68 -9.33 6.89
CA ASN A 299 -11.60 -10.35 6.36
C ASN A 299 -13.00 -10.04 6.91
N ASP A 300 -13.68 -9.11 6.25
CA ASP A 300 -15.08 -8.78 6.56
C ASP A 300 -15.26 -8.42 8.03
N GLY A 301 -14.37 -7.57 8.54
CA GLY A 301 -14.46 -7.12 9.92
C GLY A 301 -13.66 -7.93 10.92
N LYS A 302 -13.06 -9.04 10.50
CA LYS A 302 -12.29 -9.89 11.40
C LYS A 302 -10.84 -9.93 10.97
N ASP A 303 -9.97 -10.27 11.90
CA ASP A 303 -8.60 -10.55 11.53
C ASP A 303 -8.57 -11.75 10.58
N ILE A 304 -7.84 -11.64 9.48
CA ILE A 304 -7.66 -12.76 8.56
C ILE A 304 -7.05 -13.96 9.28
N ALA A 305 -6.40 -13.75 10.44
CA ALA A 305 -5.78 -14.87 11.15
C ALA A 305 -6.81 -15.88 11.63
N HIS A 306 -8.06 -15.46 11.89
CA HIS A 306 -9.12 -16.43 12.20
C HIS A 306 -9.28 -17.44 11.08
N HIS A 307 -9.61 -16.96 9.87
CA HIS A 307 -9.83 -17.84 8.74
C HIS A 307 -8.65 -18.77 8.50
N LEU A 308 -7.43 -18.31 8.75
CA LEU A 308 -6.24 -19.11 8.48
C LEU A 308 -5.96 -20.15 9.56
N GLY A 309 -6.68 -20.09 10.68
CA GLY A 309 -6.47 -21.02 11.76
C GLY A 309 -5.38 -20.61 12.72
N LEU A 310 -5.03 -19.33 12.78
CA LEU A 310 -3.95 -18.88 13.62
C LEU A 310 -4.45 -18.35 14.96
N ILE A 311 -5.77 -18.42 15.20
CA ILE A 311 -6.44 -18.06 16.46
C ILE A 311 -6.35 -16.57 16.72
N GLY B 13 -31.41 27.09 -18.56
CA GLY B 13 -32.75 26.79 -18.10
C GLY B 13 -32.85 25.66 -17.09
N LEU B 14 -31.73 25.33 -16.43
CA LEU B 14 -31.72 24.21 -15.47
C LEU B 14 -32.16 24.65 -14.07
N VAL B 15 -31.95 25.91 -13.73
CA VAL B 15 -32.48 26.50 -12.48
C VAL B 15 -33.12 27.82 -12.85
N PRO B 16 -34.14 28.26 -12.12
CA PRO B 16 -34.79 29.53 -12.44
C PRO B 16 -33.76 30.64 -12.60
N ARG B 17 -33.89 31.41 -13.69
CA ARG B 17 -32.98 32.51 -13.93
C ARG B 17 -32.89 33.38 -12.68
N GLY B 18 -31.65 33.69 -12.29
CA GLY B 18 -31.37 34.48 -11.12
C GLY B 18 -31.03 33.68 -9.88
N SER B 19 -31.34 32.38 -9.86
CA SER B 19 -31.13 31.64 -8.64
C SER B 19 -29.68 31.15 -8.55
N HIS B 20 -29.26 30.88 -7.32
CA HIS B 20 -28.03 30.14 -7.10
C HIS B 20 -28.07 28.78 -7.80
N MET B 21 -27.00 28.46 -8.53
CA MET B 21 -26.93 27.14 -9.16
C MET B 21 -26.19 26.19 -8.22
N PRO B 22 -26.74 25.00 -7.92
CA PRO B 22 -26.18 24.07 -6.93
C PRO B 22 -25.14 23.11 -7.50
N LEU B 25 -23.53 17.71 -10.88
CA LEU B 25 -23.34 16.26 -10.89
C LEU B 25 -23.88 15.59 -12.17
N GLN B 26 -23.00 15.42 -13.16
CA GLN B 26 -23.39 14.95 -14.48
C GLN B 26 -23.77 13.46 -14.48
N ARG B 27 -24.61 13.08 -15.45
CA ARG B 27 -25.17 11.73 -15.58
C ARG B 27 -24.92 11.21 -16.99
N PHE B 28 -24.40 9.98 -17.09
CA PHE B 28 -24.16 9.31 -18.36
C PHE B 28 -24.74 7.90 -18.31
N PRO B 29 -25.12 7.33 -19.45
CA PRO B 29 -25.49 5.92 -19.51
C PRO B 29 -24.26 5.05 -19.68
N ALA B 30 -24.37 3.80 -19.21
CA ALA B 30 -23.24 2.88 -19.27
C ALA B 30 -22.77 2.63 -20.70
N THR B 31 -23.64 2.89 -21.70
CA THR B 31 -23.29 2.74 -23.11
C THR B 31 -22.41 3.88 -23.63
N ALA B 32 -22.18 4.92 -22.84
CA ALA B 32 -21.39 6.07 -23.28
C ALA B 32 -19.90 5.74 -23.22
N SER B 33 -19.10 6.59 -23.86
CA SER B 33 -17.67 6.35 -23.95
C SER B 33 -16.97 6.68 -22.63
N ALA B 34 -15.92 5.89 -22.33
CA ALA B 34 -15.15 6.10 -21.10
C ALA B 34 -14.51 7.48 -21.09
N ASP B 35 -14.06 7.96 -22.25
CA ASP B 35 -13.46 9.28 -22.31
C ASP B 35 -14.47 10.36 -21.90
N GLU B 36 -15.73 10.20 -22.32
CA GLU B 36 -16.76 11.16 -21.94
C GLU B 36 -17.06 11.09 -20.45
N ILE B 37 -17.14 9.87 -19.90
CA ILE B 37 -17.40 9.74 -18.47
C ILE B 37 -16.21 10.23 -17.67
N PHE B 38 -14.99 9.98 -18.17
CA PHE B 38 -13.78 10.38 -17.45
C PHE B 38 -13.58 11.89 -17.48
N ALA B 39 -13.99 12.54 -18.58
CA ALA B 39 -13.90 13.99 -18.66
C ALA B 39 -14.74 14.65 -17.56
N ALA B 40 -15.98 14.19 -17.37
CA ALA B 40 -16.79 14.69 -16.28
C ALA B 40 -16.18 14.35 -14.92
N PHE B 41 -15.59 13.15 -14.81
CA PHE B 41 -14.90 12.74 -13.58
C PHE B 41 -13.77 13.69 -13.26
N GLN B 42 -12.99 14.09 -14.27
CA GLN B 42 -11.92 15.06 -14.05
C GLN B 42 -12.48 16.42 -13.64
N GLU B 43 -13.57 16.86 -14.29
CA GLU B 43 -14.15 18.17 -14.00
C GLU B 43 -14.67 18.24 -12.56
N ASP B 44 -15.48 17.25 -12.16
CA ASP B 44 -16.24 17.32 -10.92
C ASP B 44 -15.72 16.43 -9.81
N GLY B 45 -14.96 15.38 -10.13
CA GLY B 45 -14.52 14.41 -9.15
C GLY B 45 -15.51 13.28 -8.91
N CYS B 46 -16.68 13.33 -9.54
CA CYS B 46 -17.70 12.29 -9.42
C CYS B 46 -18.62 12.42 -10.62
N VAL B 47 -19.41 11.37 -10.86
CA VAL B 47 -20.25 11.27 -12.05
C VAL B 47 -21.12 10.03 -11.93
N VAL B 48 -22.39 10.13 -12.33
CA VAL B 48 -23.29 8.98 -12.31
C VAL B 48 -23.15 8.21 -13.62
N ILE B 49 -23.18 6.89 -13.51
CA ILE B 49 -23.27 6.01 -14.68
C ILE B 49 -24.55 5.19 -14.49
N GLU B 50 -25.57 5.51 -15.28
CA GLU B 50 -26.85 4.84 -15.19
C GLU B 50 -26.80 3.51 -15.93
N GLY B 51 -27.35 2.48 -15.30
CA GLY B 51 -27.24 1.15 -15.86
C GLY B 51 -25.84 0.59 -15.86
N PHE B 52 -25.01 1.00 -14.90
CA PHE B 52 -23.66 0.42 -14.80
C PHE B 52 -23.73 -1.09 -14.64
N ILE B 53 -24.75 -1.59 -13.96
CA ILE B 53 -25.06 -3.02 -13.90
C ILE B 53 -26.50 -3.20 -14.37
N SER B 54 -26.72 -4.21 -15.23
CA SER B 54 -28.05 -4.46 -15.79
C SER B 54 -29.07 -4.74 -14.70
N PRO B 55 -30.35 -4.50 -14.98
CA PRO B 55 -31.38 -4.65 -13.94
C PRO B 55 -31.51 -6.07 -13.40
N GLU B 56 -31.42 -7.09 -14.26
CA GLU B 56 -31.49 -8.46 -13.76
C GLU B 56 -30.24 -8.81 -12.96
N GLN B 57 -29.10 -8.22 -13.28
CA GLN B 57 -27.88 -8.55 -12.55
C GLN B 57 -27.96 -8.05 -11.11
N VAL B 58 -28.35 -6.78 -10.90
CA VAL B 58 -28.42 -6.24 -9.55
C VAL B 58 -29.47 -6.97 -8.72
N ALA B 59 -30.53 -7.47 -9.37
CA ALA B 59 -31.56 -8.18 -8.63
C ALA B 59 -31.08 -9.56 -8.20
N ARG B 60 -30.35 -10.26 -9.09
CA ARG B 60 -29.73 -11.50 -8.67
C ARG B 60 -28.70 -11.26 -7.57
N PHE B 61 -27.90 -10.20 -7.72
CA PHE B 61 -26.90 -9.90 -6.71
C PHE B 61 -27.54 -9.67 -5.35
N SER B 62 -28.55 -8.79 -5.29
CA SER B 62 -29.23 -8.48 -4.05
C SER B 62 -29.79 -9.74 -3.40
N GLN B 63 -30.47 -10.57 -4.20
CA GLN B 63 -30.97 -11.83 -3.66
C GLN B 63 -29.83 -12.69 -3.14
N GLU B 64 -28.72 -12.75 -3.90
CA GLU B 64 -27.62 -13.64 -3.54
C GLU B 64 -26.94 -13.24 -2.23
N VAL B 65 -26.90 -11.94 -1.91
CA VAL B 65 -26.29 -11.50 -0.65
C VAL B 65 -27.31 -11.29 0.47
N ASP B 66 -28.61 -11.43 0.18
CA ASP B 66 -29.61 -11.16 1.22
C ASP B 66 -29.45 -12.10 2.42
N PRO B 67 -29.20 -13.39 2.26
CA PRO B 67 -28.99 -14.23 3.46
C PRO B 67 -27.72 -13.87 4.23
N ALA B 68 -26.68 -13.36 3.56
CA ALA B 68 -25.54 -12.82 4.30
C ALA B 68 -25.93 -11.60 5.11
N MET B 69 -26.73 -10.69 4.51
CA MET B 69 -27.11 -9.46 5.20
C MET B 69 -28.06 -9.71 6.37
N GLU B 70 -28.95 -10.70 6.24
CA GLU B 70 -29.86 -11.01 7.34
C GLU B 70 -29.12 -11.52 8.58
N LYS B 71 -27.92 -12.07 8.42
CA LYS B 71 -27.11 -12.55 9.53
C LYS B 71 -26.20 -11.48 10.13
N ILE B 72 -26.49 -10.21 9.89
CA ILE B 72 -25.66 -9.13 10.42
C ILE B 72 -26.50 -8.35 11.44
N PRO B 73 -26.17 -8.41 12.72
CA PRO B 73 -26.92 -7.62 13.71
C PRO B 73 -26.68 -6.13 13.53
N VAL B 74 -27.72 -5.34 13.86
CA VAL B 74 -27.68 -3.88 13.71
C VAL B 74 -27.30 -3.25 15.05
N GLU B 75 -26.31 -2.36 15.02
CA GLU B 75 -25.94 -1.57 16.19
C GLU B 75 -26.81 -0.31 16.28
N VAL B 76 -27.35 -0.06 17.46
CA VAL B 76 -28.07 1.18 17.77
C VAL B 76 -27.29 1.85 18.90
N THR B 77 -26.35 2.72 18.53
CA THR B 77 -25.33 3.17 19.44
C THR B 77 -25.36 4.66 19.76
N ASN B 78 -25.75 5.52 18.81
CA ASN B 78 -25.64 6.98 18.96
C ASN B 78 -24.20 7.44 19.18
N ASN B 79 -23.21 6.64 18.77
CA ASN B 79 -21.82 7.00 19.04
C ASN B 79 -21.15 7.73 17.88
N GLY B 80 -21.85 7.93 16.77
CA GLY B 80 -21.31 8.72 15.69
C GLY B 80 -20.34 8.03 14.75
N ASN B 81 -20.16 6.71 14.85
CA ASN B 81 -19.32 6.03 13.88
C ASN B 81 -20.20 5.46 12.76
N SER B 82 -19.54 4.88 11.74
CA SER B 82 -20.18 4.48 10.49
C SER B 82 -20.82 3.10 10.55
N ASN B 83 -20.89 2.51 11.74
CA ASN B 83 -21.63 1.27 11.94
C ASN B 83 -22.95 1.48 12.68
N ASP B 84 -23.27 2.71 13.05
CA ASP B 84 -24.53 3.00 13.73
C ASP B 84 -25.66 2.76 12.73
N ARG B 85 -26.35 1.63 12.90
CA ARG B 85 -27.51 1.30 12.07
C ARG B 85 -27.13 1.28 10.58
N THR B 86 -25.98 0.71 10.27
CA THR B 86 -25.54 0.51 8.90
C THR B 86 -24.87 -0.85 8.81
N LYS B 87 -25.36 -1.72 7.93
CA LYS B 87 -24.77 -3.03 7.73
C LYS B 87 -23.70 -2.96 6.65
N ARG B 88 -22.61 -3.69 6.86
CA ARG B 88 -21.48 -3.70 5.93
C ARG B 88 -21.00 -5.13 5.78
N PHE B 89 -20.77 -5.56 4.54
CA PHE B 89 -20.47 -6.95 4.21
C PHE B 89 -19.54 -6.97 3.01
N SER B 90 -18.42 -7.70 3.12
CA SER B 90 -17.39 -7.65 2.10
C SER B 90 -17.11 -8.96 1.38
N LYS B 91 -17.79 -10.05 1.73
CA LYS B 91 -17.52 -11.35 1.09
C LYS B 91 -18.36 -11.56 -0.16
N CYS B 92 -18.35 -10.58 -1.07
CA CYS B 92 -19.24 -10.63 -2.23
C CYS B 92 -18.81 -11.67 -3.26
N VAL B 93 -17.50 -11.90 -3.41
CA VAL B 93 -17.05 -12.96 -4.31
C VAL B 93 -17.51 -14.31 -3.81
N ILE B 94 -17.35 -14.55 -2.50
CA ILE B 94 -17.73 -15.84 -1.91
C ILE B 94 -19.24 -16.07 -2.04
N ALA B 95 -20.03 -15.02 -1.80
CA ALA B 95 -21.47 -15.18 -1.67
C ALA B 95 -22.25 -15.06 -2.97
N SER B 96 -21.70 -14.42 -4.00
CA SER B 96 -22.51 -14.06 -5.18
C SER B 96 -21.85 -14.47 -6.50
N PRO B 97 -22.36 -15.51 -7.17
CA PRO B 97 -21.88 -15.82 -8.53
C PRO B 97 -22.02 -14.66 -9.50
N THR B 98 -23.12 -13.91 -9.38
CA THR B 98 -23.32 -12.79 -10.28
C THR B 98 -22.23 -11.73 -10.09
N PHE B 99 -21.84 -11.47 -8.85
CA PHE B 99 -20.80 -10.48 -8.59
C PHE B 99 -19.49 -10.90 -9.25
N ARG B 100 -19.00 -12.10 -8.94
CA ARG B 100 -17.69 -12.53 -9.42
C ARG B 100 -17.69 -12.88 -10.89
N ASN B 101 -18.84 -13.32 -11.45
CA ASN B 101 -18.85 -13.75 -12.85
C ASN B 101 -19.21 -12.65 -13.83
N GLU B 102 -19.96 -11.64 -13.38
CA GLU B 102 -20.49 -10.63 -14.30
C GLU B 102 -20.17 -9.22 -13.85
N ILE B 103 -20.51 -8.88 -12.60
CA ILE B 103 -20.39 -7.48 -12.16
C ILE B 103 -18.95 -7.00 -12.25
N ILE B 104 -17.99 -7.81 -11.79
CA ILE B 104 -16.60 -7.35 -11.81
C ILE B 104 -15.98 -7.40 -13.19
N GLU B 105 -16.62 -8.09 -14.14
CA GLU B 105 -16.09 -8.18 -15.51
C GLU B 105 -16.66 -7.13 -16.44
N SER B 106 -16.96 -5.93 -15.91
CA SER B 106 -17.42 -4.82 -16.73
C SER B 106 -16.23 -4.19 -17.44
N ASP B 107 -16.27 -4.21 -18.77
CA ASP B 107 -15.19 -3.61 -19.55
C ASP B 107 -15.08 -2.12 -19.30
N LEU B 108 -16.20 -1.44 -19.02
CA LEU B 108 -16.15 0.00 -18.79
C LEU B 108 -15.46 0.32 -17.46
N MET B 109 -15.77 -0.44 -16.41
CA MET B 109 -15.09 -0.27 -15.15
C MET B 109 -13.58 -0.26 -15.35
N HIS B 110 -13.07 -1.26 -16.07
CA HIS B 110 -11.64 -1.32 -16.35
C HIS B 110 -11.19 -0.19 -17.26
N GLU B 111 -12.01 0.17 -18.26
CA GLU B 111 -11.69 1.30 -19.12
C GLU B 111 -11.42 2.54 -18.30
N LEU B 112 -12.32 2.85 -17.35
CA LEU B 112 -12.16 4.01 -16.49
C LEU B 112 -11.00 3.83 -15.52
N CYS B 113 -10.85 2.63 -14.94
CA CYS B 113 -9.72 2.37 -14.05
C CYS B 113 -8.39 2.60 -14.76
N ASP B 114 -8.30 2.21 -16.04
CA ASP B 114 -7.07 2.43 -16.79
C ASP B 114 -6.73 3.91 -16.90
N ARG B 115 -7.73 4.77 -17.13
CA ARG B 115 -7.45 6.19 -17.29
C ARG B 115 -7.11 6.86 -15.97
N VAL B 116 -7.67 6.36 -14.85
CA VAL B 116 -7.37 6.98 -13.57
C VAL B 116 -5.95 6.61 -13.13
N PHE B 117 -5.59 5.34 -13.25
CA PHE B 117 -4.45 4.75 -12.56
C PHE B 117 -3.31 4.26 -13.46
N SER B 118 -3.59 3.73 -14.65
CA SER B 118 -2.56 3.04 -15.41
C SER B 118 -1.69 4.01 -16.20
N LYS B 119 -0.41 3.64 -16.33
CA LYS B 119 0.63 4.29 -17.10
C LYS B 119 1.06 3.41 -18.27
N PRO B 120 1.41 4.01 -19.41
CA PRO B 120 1.68 3.21 -20.61
C PRO B 120 2.89 2.30 -20.43
N GLY B 121 2.71 1.04 -20.81
CA GLY B 121 3.77 0.05 -20.74
C GLY B 121 3.94 -0.63 -19.40
N GLU B 122 3.01 -0.42 -18.46
CA GLU B 122 3.15 -0.96 -17.10
C GLU B 122 1.96 -1.81 -16.66
N GLY B 123 1.09 -2.21 -17.58
CA GLY B 123 -0.01 -3.10 -17.25
C GLY B 123 -1.10 -2.38 -16.46
N MET B 124 -1.79 -3.16 -15.62
CA MET B 124 -2.82 -2.60 -14.75
C MET B 124 -2.20 -1.87 -13.57
N GLY B 125 -2.57 -0.60 -13.38
CA GLY B 125 -2.02 0.19 -12.30
C GLY B 125 -2.90 0.20 -11.06
N TYR B 126 -3.84 -0.75 -10.98
CA TYR B 126 -4.89 -0.71 -9.98
C TYR B 126 -5.28 -2.13 -9.58
N HIS B 127 -5.93 -2.25 -8.42
CA HIS B 127 -6.51 -3.51 -7.95
C HIS B 127 -7.60 -3.15 -6.92
N PHE B 128 -8.26 -4.17 -6.40
CA PHE B 128 -9.36 -3.91 -5.48
C PHE B 128 -8.86 -3.54 -4.10
N ASN B 129 -9.48 -2.51 -3.55
CA ASN B 129 -9.41 -2.25 -2.12
C ASN B 129 -10.48 -3.03 -1.36
N ASP B 130 -11.70 -3.09 -1.88
CA ASP B 130 -12.78 -3.69 -1.13
C ASP B 130 -13.96 -3.91 -2.07
N ASN B 131 -14.79 -4.91 -1.73
CA ASN B 131 -16.09 -5.15 -2.34
C ASN B 131 -17.06 -5.08 -1.17
N MET B 132 -17.76 -3.97 -0.99
CA MET B 132 -18.54 -3.77 0.23
C MET B 132 -19.99 -3.52 -0.12
N VAL B 133 -20.89 -4.30 0.48
CA VAL B 133 -22.31 -4.01 0.49
C VAL B 133 -22.59 -3.18 1.73
N ILE B 134 -23.17 -1.99 1.52
CA ILE B 134 -23.46 -1.05 2.60
C ILE B 134 -24.96 -0.77 2.57
N GLU B 135 -25.65 -1.07 3.66
CA GLU B 135 -27.11 -0.95 3.70
C GLU B 135 -27.50 -0.12 4.91
N VAL B 136 -27.92 1.13 4.66
CA VAL B 136 -28.26 2.07 5.71
C VAL B 136 -29.64 1.70 6.26
N GLN B 137 -29.70 1.40 7.55
CA GLN B 137 -30.96 1.00 8.17
C GLN B 137 -31.83 2.21 8.46
N PRO B 138 -33.16 2.00 8.56
CA PRO B 138 -34.05 3.10 8.95
C PRO B 138 -33.65 3.73 10.27
N GLY B 139 -33.52 5.05 10.27
CA GLY B 139 -33.15 5.79 11.46
C GLY B 139 -31.67 6.08 11.62
N ALA B 140 -30.82 5.55 10.74
CA ALA B 140 -29.38 5.73 10.90
C ALA B 140 -29.01 7.19 10.76
N PRO B 141 -28.28 7.77 11.71
CA PRO B 141 -27.81 9.13 11.54
C PRO B 141 -26.96 9.27 10.28
N ALA B 142 -26.88 10.49 9.77
CA ALA B 142 -26.01 10.76 8.64
C ALA B 142 -24.56 10.49 9.01
N GLN B 143 -23.80 9.98 8.05
CA GLN B 143 -22.38 9.72 8.24
C GLN B 143 -21.60 11.03 8.24
N ARG B 144 -20.43 11.03 8.87
CA ARG B 144 -19.55 12.19 8.85
C ARG B 144 -19.06 12.47 7.43
N LEU B 145 -18.83 13.74 7.13
CA LEU B 145 -18.29 14.11 5.83
C LEU B 145 -16.82 13.73 5.75
N HIS B 146 -16.41 13.09 4.66
CA HIS B 146 -15.05 12.58 4.57
C HIS B 146 -14.64 12.48 3.10
N ARG B 147 -13.32 12.39 2.91
CA ARG B 147 -12.75 11.93 1.65
C ARG B 147 -12.27 10.50 1.83
N ASP B 148 -12.53 9.65 0.84
CA ASP B 148 -12.14 8.24 0.97
C ASP B 148 -10.63 8.08 1.11
N GLN B 149 -9.84 8.98 0.52
CA GLN B 149 -8.39 8.89 0.66
C GLN B 149 -7.89 9.24 2.05
N GLU B 150 -8.78 9.56 3.00
CA GLU B 150 -8.35 9.66 4.39
C GLU B 150 -7.88 8.31 4.93
N LEU B 151 -8.28 7.20 4.29
CA LEU B 151 -7.83 5.87 4.70
C LEU B 151 -6.31 5.71 4.55
N TYR B 152 -5.71 6.43 3.62
CA TYR B 152 -4.26 6.48 3.44
C TYR B 152 -3.84 7.86 3.91
N PRO B 153 -3.49 8.02 5.20
CA PRO B 153 -3.64 9.33 5.85
C PRO B 153 -2.72 10.44 5.37
N TRP B 154 -1.63 10.14 4.67
CA TRP B 154 -0.76 11.20 4.15
C TRP B 154 -1.31 11.81 2.86
N TRP B 155 -2.35 11.23 2.25
CA TRP B 155 -2.69 11.61 0.89
C TRP B 155 -3.21 13.04 0.80
N ASN B 156 -4.07 13.44 1.73
CA ASN B 156 -4.58 14.81 1.73
C ASN B 156 -3.46 15.84 1.75
N SER B 157 -2.32 15.50 2.36
CA SER B 157 -1.25 16.48 2.45
C SER B 157 -0.68 16.84 1.10
N MET B 158 -0.93 16.03 0.07
CA MET B 158 -0.50 16.34 -1.28
C MET B 158 -1.47 17.25 -2.03
N GLY B 159 -2.66 17.50 -1.48
CA GLY B 159 -3.58 18.44 -2.08
C GLY B 159 -4.04 17.96 -3.44
N PRO B 160 -4.67 18.86 -4.21
CA PRO B 160 -5.24 18.44 -5.50
C PRO B 160 -4.21 18.16 -6.57
N ALA B 161 -2.95 18.60 -6.37
CA ALA B 161 -1.89 18.23 -7.29
C ALA B 161 -1.46 16.77 -7.14
N GLY B 162 -1.70 16.16 -5.97
CA GLY B 162 -1.33 14.79 -5.74
C GLY B 162 -2.04 13.85 -6.69
N PRO B 163 -1.51 12.63 -6.84
CA PRO B 163 -2.13 11.65 -7.75
C PRO B 163 -3.39 11.05 -7.14
N GLU B 164 -4.09 10.27 -7.95
CA GLU B 164 -5.30 9.62 -7.48
C GLU B 164 -4.94 8.46 -6.58
N CYS B 165 -5.63 8.36 -5.45
CA CYS B 165 -5.39 7.35 -4.44
C CYS B 165 -6.38 6.19 -4.57
N VAL B 166 -7.67 6.50 -4.45
CA VAL B 166 -8.72 5.50 -4.48
C VAL B 166 -9.90 6.07 -5.27
N ILE B 167 -10.63 5.18 -5.95
CA ILE B 167 -11.89 5.55 -6.59
C ILE B 167 -12.91 4.50 -6.20
N ASN B 168 -14.18 4.88 -6.30
CA ASN B 168 -15.26 4.04 -5.79
C ASN B 168 -16.39 4.03 -6.80
N PHE B 169 -16.69 2.86 -7.35
CA PHE B 169 -17.90 2.65 -8.14
C PHE B 169 -19.00 2.28 -7.16
N PHE B 170 -19.73 3.30 -6.70
CA PHE B 170 -20.70 3.15 -5.62
C PHE B 170 -22.07 2.90 -6.24
N CYS B 171 -22.49 1.64 -6.27
CA CYS B 171 -23.66 1.21 -7.03
C CYS B 171 -24.88 1.09 -6.13
N ALA B 172 -25.99 1.68 -6.58
CA ALA B 172 -27.26 1.47 -5.89
C ALA B 172 -27.75 0.05 -6.13
N VAL B 173 -28.06 -0.67 -5.05
CA VAL B 173 -28.64 -2.00 -5.12
C VAL B 173 -30.16 -1.95 -4.93
N THR B 174 -30.61 -1.21 -3.93
CA THR B 174 -31.96 -0.69 -3.88
C THR B 174 -31.90 0.79 -4.18
N PRO B 175 -33.02 1.44 -4.51
CA PRO B 175 -32.95 2.84 -4.94
C PRO B 175 -32.48 3.79 -3.85
N PHE B 176 -31.76 4.84 -4.30
CA PHE B 176 -31.30 5.92 -3.44
C PHE B 176 -32.28 7.08 -3.53
N THR B 177 -32.81 7.50 -2.39
CA THR B 177 -33.68 8.67 -2.36
C THR B 177 -33.09 9.73 -1.43
N GLU B 178 -33.65 10.93 -1.55
CA GLU B 178 -33.29 12.02 -0.64
C GLU B 178 -33.62 11.69 0.82
N GLU B 179 -34.48 10.69 1.05
CA GLU B 179 -34.98 10.40 2.39
C GLU B 179 -34.41 9.12 3.01
N ASN B 180 -33.95 8.14 2.22
CA ASN B 180 -33.50 6.87 2.78
C ASN B 180 -31.98 6.80 2.98
N GLY B 181 -31.26 7.88 2.74
CA GLY B 181 -29.85 7.94 3.01
C GLY B 181 -28.91 7.96 1.81
N ALA B 182 -29.37 8.39 0.63
CA ALA B 182 -28.48 8.54 -0.51
C ALA B 182 -27.28 9.41 -0.14
N THR B 183 -26.12 9.09 -0.71
CA THR B 183 -24.89 9.80 -0.35
C THR B 183 -24.99 11.26 -0.74
N ARG B 184 -24.51 12.14 0.13
CA ARG B 184 -24.39 13.55 -0.18
C ARG B 184 -22.98 13.81 -0.71
N LEU B 185 -22.88 14.23 -1.97
CA LEU B 185 -21.61 14.49 -2.63
C LEU B 185 -21.30 15.99 -2.65
N VAL B 186 -20.02 16.33 -2.71
CA VAL B 186 -19.59 17.73 -2.86
C VAL B 186 -18.76 17.86 -4.14
N PRO B 187 -19.39 17.92 -5.33
CA PRO B 187 -18.60 17.99 -6.56
C PRO B 187 -17.62 19.15 -6.52
N GLY B 188 -16.44 18.94 -7.10
CA GLY B 188 -15.41 19.94 -7.13
C GLY B 188 -14.58 20.07 -5.87
N SER B 189 -14.90 19.33 -4.81
CA SER B 189 -14.06 19.37 -3.61
C SER B 189 -12.71 18.69 -3.82
N HIS B 190 -12.50 18.05 -4.96
CA HIS B 190 -11.21 17.52 -5.36
C HIS B 190 -10.29 18.60 -5.93
N LEU B 191 -10.79 19.83 -6.07
CA LEU B 191 -9.99 20.94 -6.55
C LEU B 191 -9.80 22.04 -5.52
N TRP B 192 -10.31 21.88 -4.30
CA TRP B 192 -10.02 22.84 -3.25
C TRP B 192 -8.51 22.91 -3.02
N PRO B 193 -7.98 24.07 -2.60
CA PRO B 193 -6.52 24.20 -2.49
C PRO B 193 -5.93 23.49 -1.29
N GLU B 194 -6.71 23.29 -0.22
CA GLU B 194 -6.24 22.56 0.95
C GLU B 194 -7.22 21.42 1.19
N PHE B 195 -6.67 20.21 1.33
CA PHE B 195 -7.43 19.03 1.73
C PHE B 195 -7.25 18.83 3.22
N THR B 196 -8.30 19.07 4.00
CA THR B 196 -8.29 18.89 5.44
C THR B 196 -9.34 17.86 5.84
N GLN B 197 -9.24 17.41 7.09
CA GLN B 197 -10.39 16.79 7.74
C GLN B 197 -11.58 17.74 7.71
N ILE B 198 -12.78 17.17 7.55
CA ILE B 198 -13.99 18.00 7.51
C ILE B 198 -14.65 18.02 8.88
N ASN B 199 -14.15 18.89 9.76
CA ASN B 199 -14.75 19.06 11.07
C ASN B 199 -14.67 20.54 11.45
N GLU B 200 -15.40 20.90 12.51
CA GLU B 200 -15.45 22.29 12.96
C GLU B 200 -14.07 22.85 13.24
N ARG B 201 -13.14 22.01 13.72
CA ARG B 201 -11.82 22.52 14.10
C ARG B 201 -10.91 22.72 12.90
N ASP B 202 -10.94 21.79 11.93
CA ASP B 202 -9.93 21.79 10.87
C ASP B 202 -10.42 22.37 9.54
N CYS B 203 -11.73 22.50 9.33
CA CYS B 203 -12.25 22.94 8.04
C CYS B 203 -12.89 24.32 8.10
N PRO B 204 -12.27 25.36 7.54
CA PRO B 204 -12.86 26.71 7.63
C PRO B 204 -14.24 26.82 7.01
N GLN B 205 -14.60 25.92 6.10
CA GLN B 205 -15.89 25.96 5.43
C GLN B 205 -16.94 25.10 6.14
N PHE B 206 -16.63 24.59 7.33
CA PHE B 206 -17.53 23.63 7.99
C PHE B 206 -18.86 24.30 8.33
N GLY B 207 -19.97 23.63 7.97
CA GLY B 207 -21.29 24.18 8.10
C GLY B 207 -21.81 24.93 6.88
N LYS B 208 -20.92 25.35 5.98
CA LYS B 208 -21.31 26.02 4.74
C LYS B 208 -20.95 25.19 3.52
N ILE B 209 -20.78 23.88 3.68
CA ILE B 209 -20.34 23.01 2.58
C ILE B 209 -21.58 22.51 1.86
N GLU B 210 -21.61 22.75 0.55
CA GLU B 210 -22.81 22.49 -0.23
C GLU B 210 -22.77 21.10 -0.85
N THR B 211 -23.84 20.33 -0.64
CA THR B 211 -23.92 18.96 -1.11
C THR B 211 -24.98 18.81 -2.19
N VAL B 212 -24.88 17.70 -2.91
CA VAL B 212 -25.98 17.21 -3.74
C VAL B 212 -26.13 15.72 -3.44
N PRO B 213 -27.35 15.21 -3.30
CA PRO B 213 -27.54 13.77 -3.11
C PRO B 213 -27.44 12.98 -4.41
N ALA B 214 -26.98 11.74 -4.27
CA ALA B 214 -26.85 10.81 -5.40
C ALA B 214 -28.13 9.99 -5.49
N ILE B 215 -29.08 10.50 -6.30
CA ILE B 215 -30.36 9.85 -6.51
C ILE B 215 -30.21 8.84 -7.64
N MET B 216 -30.56 7.59 -7.38
CA MET B 216 -30.19 6.50 -8.26
C MET B 216 -31.20 5.37 -8.16
N GLN B 217 -31.43 4.72 -9.30
CA GLN B 217 -32.16 3.47 -9.43
C GLN B 217 -31.20 2.30 -9.29
N PRO B 218 -31.72 1.12 -8.97
CA PRO B 218 -30.87 -0.08 -8.97
C PRO B 218 -30.08 -0.23 -10.26
N GLY B 219 -28.78 -0.49 -10.13
CA GLY B 219 -27.89 -0.65 -11.26
C GLY B 219 -27.11 0.60 -11.60
N ASP B 220 -27.67 1.77 -11.32
CA ASP B 220 -26.90 2.99 -11.38
C ASP B 220 -25.71 2.92 -10.42
N CYS B 221 -24.69 3.70 -10.73
CA CYS B 221 -23.63 3.95 -9.77
C CYS B 221 -23.15 5.38 -9.97
N TYR B 222 -22.40 5.87 -9.00
CA TYR B 222 -21.57 7.05 -9.22
C TYR B 222 -20.11 6.68 -9.02
N LEU B 223 -19.29 7.02 -10.00
CA LEU B 223 -17.84 6.92 -9.86
C LEU B 223 -17.37 8.15 -9.11
N MET B 224 -16.71 7.96 -7.97
CA MET B 224 -16.26 9.09 -7.18
C MET B 224 -14.76 9.00 -6.92
N SER B 225 -14.12 10.16 -7.00
CA SER B 225 -12.70 10.29 -6.67
C SER B 225 -12.50 10.28 -5.16
N GLY B 226 -11.36 9.73 -4.72
CA GLY B 226 -11.04 9.73 -3.32
C GLY B 226 -10.77 11.11 -2.74
N LYS B 227 -10.68 12.12 -3.59
CA LYS B 227 -10.48 13.51 -3.18
C LYS B 227 -11.78 14.28 -2.91
N VAL B 228 -12.94 13.68 -3.17
CA VAL B 228 -14.23 14.36 -3.08
C VAL B 228 -14.85 14.14 -1.69
N ILE B 229 -15.27 15.24 -1.07
CA ILE B 229 -15.94 15.17 0.23
C ILE B 229 -17.33 14.58 0.04
N HIS B 230 -17.74 13.74 1.00
CA HIS B 230 -19.04 13.10 0.88
C HIS B 230 -19.36 12.41 2.20
N GLY B 231 -20.56 11.85 2.26
CA GLY B 231 -21.06 11.14 3.43
C GLY B 231 -22.47 10.64 3.20
N ALA B 232 -22.82 9.51 3.80
CA ALA B 232 -24.18 9.00 3.67
C ALA B 232 -25.15 9.89 4.44
N GLY B 233 -26.35 10.01 3.89
CA GLY B 233 -27.37 10.80 4.53
C GLY B 233 -28.06 10.06 5.67
N HIS B 234 -28.75 10.83 6.49
CA HIS B 234 -29.65 10.26 7.48
C HIS B 234 -30.80 9.55 6.78
N ASN B 235 -31.12 8.34 7.25
CA ASN B 235 -32.22 7.55 6.68
C ASN B 235 -33.45 7.78 7.57
N ALA B 236 -34.24 8.79 7.20
CA ALA B 236 -35.38 9.19 8.00
C ALA B 236 -36.61 8.31 7.81
N THR B 237 -36.50 7.20 7.07
CA THR B 237 -37.65 6.37 6.77
C THR B 237 -37.88 5.36 7.89
N THR B 238 -38.83 4.45 7.65
CA THR B 238 -39.30 3.46 8.61
C THR B 238 -38.99 2.03 8.18
N THR B 239 -38.96 1.78 6.87
CA THR B 239 -38.82 0.44 6.33
C THR B 239 -37.77 0.32 5.23
N ASP B 240 -37.24 1.43 4.72
CA ASP B 240 -36.36 1.42 3.56
C ASP B 240 -34.91 1.19 4.02
N ARG B 241 -34.41 -0.01 3.77
CA ARG B 241 -32.99 -0.34 3.96
C ARG B 241 -32.31 -0.05 2.63
N ARG B 242 -31.60 1.07 2.55
CA ARG B 242 -30.96 1.52 1.32
C ARG B 242 -29.66 0.74 1.13
N ARG B 243 -29.67 -0.20 0.18
CA ARG B 243 -28.56 -1.12 -0.03
C ARG B 243 -27.69 -0.61 -1.16
N ALA B 244 -26.36 -0.62 -0.95
CA ALA B 244 -25.38 -0.15 -1.93
C ALA B 244 -24.30 -1.20 -2.12
N LEU B 245 -23.61 -1.13 -3.27
CA LEU B 245 -22.41 -1.95 -3.54
C LEU B 245 -21.23 -1.06 -3.91
N ALA B 246 -20.20 -1.04 -3.06
CA ALA B 246 -19.03 -0.19 -3.25
C ALA B 246 -17.87 -1.00 -3.81
N LEU B 247 -17.41 -0.64 -5.01
CA LEU B 247 -16.24 -1.24 -5.65
C LEU B 247 -15.08 -0.25 -5.46
N ALA B 248 -14.36 -0.40 -4.36
CA ALA B 248 -13.25 0.49 -4.06
C ALA B 248 -12.01 -0.03 -4.75
N ILE B 249 -11.35 0.83 -5.54
CA ILE B 249 -10.19 0.45 -6.35
C ILE B 249 -9.06 1.42 -6.04
N ILE B 250 -7.84 0.87 -5.89
CA ILE B 250 -6.68 1.63 -5.42
C ILE B 250 -5.53 1.43 -6.39
N ARG B 251 -4.54 2.33 -6.31
CA ARG B 251 -3.28 2.14 -7.02
C ARG B 251 -2.66 0.81 -6.62
N ARG B 252 -1.92 0.19 -7.55
CA ARG B 252 -1.29 -1.10 -7.28
C ARG B 252 -0.29 -1.03 -6.13
N GLU B 253 0.21 0.16 -5.79
CA GLU B 253 1.20 0.33 -4.73
C GLU B 253 0.60 0.38 -3.34
N LEU B 254 -0.72 0.27 -3.21
CA LEU B 254 -1.40 0.48 -1.94
C LEU B 254 -2.03 -0.82 -1.45
N ARG B 255 -2.14 -0.91 -0.14
CA ARG B 255 -2.60 -2.12 0.50
C ARG B 255 -4.11 -2.16 0.57
N PRO B 256 -4.73 -3.28 0.19
CA PRO B 256 -6.20 -3.39 0.30
C PRO B 256 -6.65 -3.53 1.74
N MET B 257 -7.92 -3.20 1.97
CA MET B 257 -8.55 -3.40 3.28
C MET B 257 -8.99 -4.83 3.49
N GLN B 258 -9.09 -5.61 2.42
CA GLN B 258 -9.48 -7.00 2.51
C GLN B 258 -8.35 -7.87 1.98
N ALA B 259 -8.04 -8.93 2.71
CA ALA B 259 -7.03 -9.88 2.30
C ALA B 259 -7.68 -10.92 1.40
N PHE B 260 -8.13 -10.46 0.23
CA PHE B 260 -8.96 -11.29 -0.64
C PHE B 260 -8.26 -12.56 -1.10
N SER B 261 -6.95 -12.49 -1.32
CA SER B 261 -6.24 -13.67 -1.80
C SER B 261 -6.02 -14.71 -0.73
N LEU B 262 -6.35 -14.42 0.53
CA LEU B 262 -6.30 -15.38 1.62
C LEU B 262 -7.68 -15.87 2.04
N SER B 263 -8.75 -15.16 1.67
CA SER B 263 -10.10 -15.51 2.07
C SER B 263 -10.95 -16.09 0.95
N VAL B 264 -10.77 -15.63 -0.28
CA VAL B 264 -11.47 -16.20 -1.45
C VAL B 264 -10.84 -17.55 -1.80
N PRO B 265 -11.62 -18.63 -1.88
CA PRO B 265 -11.02 -19.95 -2.12
C PRO B 265 -10.36 -20.05 -3.48
N MET B 266 -9.35 -20.92 -3.57
CA MET B 266 -8.65 -21.10 -4.83
C MET B 266 -9.57 -21.54 -5.95
N LYS B 267 -10.68 -22.21 -5.63
CA LYS B 267 -11.61 -22.65 -6.67
C LYS B 267 -12.15 -21.46 -7.48
N LEU B 268 -12.57 -20.40 -6.79
CA LEU B 268 -13.12 -19.24 -7.49
C LEU B 268 -12.04 -18.46 -8.23
N ALA B 269 -10.82 -18.40 -7.69
CA ALA B 269 -9.72 -17.73 -8.38
C ALA B 269 -9.39 -18.40 -9.71
N ARG B 270 -9.48 -19.74 -9.76
CA ARG B 270 -9.24 -20.44 -11.01
CA ARG B 270 -9.24 -20.43 -11.02
C ARG B 270 -10.28 -20.08 -12.07
N GLU B 271 -11.46 -19.62 -11.67
CA GLU B 271 -12.51 -19.24 -12.59
C GLU B 271 -12.44 -17.77 -13.00
N MET B 272 -11.54 -16.99 -12.41
CA MET B 272 -11.37 -15.59 -12.76
C MET B 272 -10.50 -15.42 -13.99
N SER B 273 -10.83 -14.40 -14.79
CA SER B 273 -9.95 -13.95 -15.84
C SER B 273 -8.62 -13.51 -15.23
N GLU B 274 -7.59 -13.48 -16.08
CA GLU B 274 -6.30 -12.96 -15.62
C GLU B 274 -6.45 -11.56 -15.03
N ARG B 275 -7.37 -10.75 -15.56
CA ARG B 275 -7.48 -9.39 -15.04
C ARG B 275 -8.16 -9.34 -13.68
N SER B 276 -9.09 -10.26 -13.41
CA SER B 276 -9.71 -10.30 -12.09
C SER B 276 -8.80 -10.95 -11.06
N GLN B 277 -7.99 -11.93 -11.46
CA GLN B 277 -6.96 -12.45 -10.57
C GLN B 277 -6.05 -11.33 -10.09
N THR B 278 -5.67 -10.41 -11.00
CA THR B 278 -4.83 -9.27 -10.64
C THR B 278 -5.55 -8.33 -9.68
N MET B 279 -6.86 -8.13 -9.86
CA MET B 279 -7.63 -7.27 -8.96
C MET B 279 -7.67 -7.82 -7.54
N PHE B 280 -7.67 -9.14 -7.38
CA PHE B 280 -7.73 -9.76 -6.05
C PHE B 280 -6.37 -10.23 -5.54
N GLY B 281 -5.30 -10.05 -6.31
CA GLY B 281 -3.98 -10.40 -5.83
C GLY B 281 -3.64 -11.86 -5.95
N PHE B 282 -4.40 -12.64 -6.72
CA PHE B 282 -3.97 -13.96 -7.13
C PHE B 282 -2.95 -13.91 -8.25
N ARG B 283 -2.67 -12.71 -8.77
CA ARG B 283 -1.76 -12.52 -9.86
C ARG B 283 -1.01 -11.21 -9.63
N SER B 284 0.25 -11.17 -10.04
CA SER B 284 1.10 -10.03 -9.75
C SER B 284 0.91 -8.86 -10.73
N HIS B 295 7.35 -6.70 -10.31
CA HIS B 295 6.98 -5.48 -9.57
C HIS B 295 6.32 -5.83 -8.24
N PHE B 296 5.16 -5.27 -7.95
CA PHE B 296 4.54 -5.45 -6.64
C PHE B 296 3.91 -6.83 -6.50
N TRP B 297 3.90 -7.32 -5.26
CA TRP B 297 3.14 -8.52 -4.90
C TRP B 297 3.63 -9.73 -5.69
N GLY B 298 4.95 -9.88 -5.78
CA GLY B 298 5.56 -10.93 -6.55
C GLY B 298 6.04 -12.09 -5.69
N ASN B 299 6.77 -12.99 -6.33
CA ASN B 299 7.29 -14.16 -5.66
C ASN B 299 8.74 -14.35 -6.13
N ASP B 300 9.66 -13.64 -5.48
CA ASP B 300 11.09 -13.81 -5.69
C ASP B 300 11.43 -13.74 -7.17
N GLY B 301 10.98 -12.66 -7.81
CA GLY B 301 11.26 -12.44 -9.21
C GLY B 301 10.20 -12.93 -10.16
N LYS B 302 9.32 -13.83 -9.73
CA LYS B 302 8.30 -14.40 -10.60
C LYS B 302 6.91 -13.98 -10.14
N ASP B 303 5.95 -14.07 -11.08
CA ASP B 303 4.55 -13.87 -10.77
C ASP B 303 4.08 -14.87 -9.73
N ILE B 304 3.33 -14.40 -8.74
CA ILE B 304 2.80 -15.30 -7.71
C ILE B 304 1.81 -16.28 -8.31
N ALA B 305 1.24 -15.96 -9.48
CA ALA B 305 0.32 -16.89 -10.12
C ALA B 305 1.00 -18.21 -10.50
N HIS B 306 2.31 -18.20 -10.73
CA HIS B 306 3.02 -19.45 -11.01
C HIS B 306 2.90 -20.41 -9.83
N HIS B 307 3.34 -19.97 -8.65
CA HIS B 307 3.31 -20.83 -7.47
C HIS B 307 1.88 -21.25 -7.13
N LEU B 308 0.89 -20.39 -7.40
CA LEU B 308 -0.50 -20.69 -7.09
C LEU B 308 -1.13 -21.68 -8.06
N GLY B 309 -0.45 -22.03 -9.15
CA GLY B 309 -1.00 -22.97 -10.11
C GLY B 309 -1.96 -22.37 -11.11
N LEU B 310 -1.82 -21.08 -11.41
CA LEU B 310 -2.79 -20.33 -12.19
C LEU B 310 -2.29 -19.96 -13.58
N ILE B 311 -1.06 -20.29 -13.91
CA ILE B 311 -0.53 -20.03 -15.25
C ILE B 311 -0.31 -21.37 -15.94
N SER B 312 -0.69 -21.45 -17.22
CA SER B 312 -0.80 -22.72 -17.93
C SER B 312 0.54 -23.49 -17.99
#